data_6UEX
#
_entry.id   6UEX
#
_cell.length_a   89.245
_cell.length_b   90.543
_cell.length_c   94.753
_cell.angle_alpha   90.000
_cell.angle_beta   90.000
_cell.angle_gamma   90.000
#
_symmetry.space_group_name_H-M   'C 2 2 21'
#
loop_
_entity.id
_entity.type
_entity.pdbx_description
1 polymer 'Regulatory protein MsrR'
2 non-polymer 2-(acetylamino)-2-deoxy-1-O-[(S)-hydroxy{[(S)-hydroxy{[(2Z,6Z,10Z,14Z,18Z,22Z,26Z)-3,7,11,15,19,23,27,31-octamethyldotriaconta-2,6,10,14,18,22,26,30-octaen-1-yl]oxy}phosphoryl]oxy}phosphoryl]-alpha-D-glucopyranose
3 non-polymer 'SULFATE ION'
4 non-polymer GLYCEROL
5 water water
#
_entity_poly.entity_id   1
_entity_poly.type   'polypeptide(L)'
_entity_poly.pdbx_seq_one_letter_code
;MGSSHHHHHHHHHHSSGLVPRGSHMDGKISILVLGADKAQGGQSRTDSIMVVQYDFINKKMKMMSVMRDIYADIPGYGKH
KINSAYALGGPELLRKTLDKNLGINPEYYAVVDFTGFEKMIDELMPEGVPINVEKDMSKNIGVSLKKGNHRLNGKELLGY
ARFRHDPEGDFGRVRRQQQVMQTLKKEMVNFRTVVKLPKVAGILRGYVNTNIPDSGIFQTGLSFGIRGEKDVKSLTVPIK
NSYEDVNTNTDGSALQINKNTNKQAIKDFLDED
;
_entity_poly.pdbx_strand_id   A
#
# COMPACT_ATOMS: atom_id res chain seq x y z
N GLY A 27 12.41 -1.68 18.32
CA GLY A 27 13.44 -1.29 17.37
C GLY A 27 12.99 -1.37 15.91
N LYS A 28 11.75 -0.97 15.68
CA LYS A 28 11.18 -1.02 14.34
C LYS A 28 10.51 0.31 14.00
N ILE A 29 10.24 0.50 12.72
CA ILE A 29 9.43 1.60 12.23
C ILE A 29 8.29 1.01 11.40
N SER A 30 7.11 1.60 11.49
CA SER A 30 5.95 1.13 10.72
C SER A 30 5.21 2.33 10.15
N ILE A 31 4.70 2.16 8.93
CA ILE A 31 4.11 3.24 8.17
C ILE A 31 2.81 2.74 7.57
N LEU A 32 1.76 3.54 7.70
CA LEU A 32 0.50 3.32 7.02
C LEU A 32 0.58 4.02 5.67
N VAL A 33 0.59 3.24 4.59
CA VAL A 33 0.84 3.76 3.25
C VAL A 33 -0.47 3.74 2.49
N LEU A 34 -0.96 4.93 2.09
CA LEU A 34 -2.30 5.08 1.55
C LEU A 34 -2.26 5.61 0.12
N GLY A 35 -2.93 4.91 -0.79
CA GLY A 35 -3.17 5.45 -2.11
C GLY A 35 -4.53 6.14 -2.10
N ALA A 36 -4.56 7.44 -2.39
CA ALA A 36 -5.78 8.22 -2.23
C ALA A 36 -6.18 8.87 -3.54
N ASP A 37 -7.43 9.30 -3.61
CA ASP A 37 -7.93 9.91 -4.82
C ASP A 37 -9.13 10.75 -4.42
N LYS A 38 -9.70 11.45 -5.39
CA LYS A 38 -10.87 12.28 -5.15
C LYS A 38 -12.06 11.66 -5.86
N ALA A 39 -13.18 11.55 -5.16
CA ALA A 39 -14.44 11.26 -5.81
C ALA A 39 -14.86 12.44 -6.68
N GLN A 40 -15.90 12.22 -7.48
CA GLN A 40 -16.42 13.27 -8.35
C GLN A 40 -16.87 14.49 -7.55
N GLY A 41 -17.42 14.28 -6.35
CA GLY A 41 -17.91 15.38 -5.55
C GLY A 41 -16.83 16.13 -4.82
N GLY A 42 -15.60 15.66 -4.94
CA GLY A 42 -14.43 16.29 -4.40
C GLY A 42 -13.96 15.69 -3.09
N GLN A 43 -14.75 14.80 -2.49
CA GLN A 43 -14.36 14.24 -1.21
C GLN A 43 -13.24 13.24 -1.45
N SER A 44 -12.35 13.15 -0.48
CA SER A 44 -11.17 12.33 -0.67
C SER A 44 -11.48 10.92 -0.21
N ARG A 45 -10.79 9.96 -0.84
CA ARG A 45 -11.00 8.53 -0.62
C ARG A 45 -9.66 7.85 -0.61
N THR A 46 -9.54 6.76 0.15
CA THR A 46 -8.37 5.93 -0.01
C THR A 46 -8.81 4.58 -0.56
N ASP A 47 -8.14 4.15 -1.62
CA ASP A 47 -8.54 2.91 -2.28
C ASP A 47 -7.42 1.89 -2.29
N SER A 48 -6.31 2.18 -1.60
CA SER A 48 -5.25 1.19 -1.42
C SER A 48 -4.65 1.44 -0.04
N ILE A 49 -4.62 0.39 0.79
CA ILE A 49 -4.17 0.48 2.18
C ILE A 49 -3.06 -0.55 2.37
N MET A 50 -1.86 -0.08 2.71
CA MET A 50 -0.76 -0.98 3.00
C MET A 50 -0.13 -0.57 4.32
N VAL A 51 0.51 -1.53 4.98
CA VAL A 51 1.33 -1.24 6.14
C VAL A 51 2.71 -1.81 5.88
N VAL A 52 3.74 -0.99 6.06
CA VAL A 52 5.11 -1.44 5.87
C VAL A 52 5.81 -1.33 7.21
N GLN A 53 6.52 -2.38 7.59
CA GLN A 53 7.33 -2.38 8.80
C GLN A 53 8.77 -2.73 8.44
N TYR A 54 9.71 -1.97 8.98
CA TYR A 54 11.14 -2.29 8.86
C TYR A 54 11.70 -2.54 10.25
N ASP A 55 12.36 -3.69 10.42
CA ASP A 55 12.99 -4.08 11.68
C ASP A 55 14.47 -3.72 11.58
N PHE A 56 14.91 -2.76 12.40
CA PHE A 56 16.30 -2.30 12.30
C PHE A 56 17.28 -3.32 12.85
N ILE A 57 16.87 -4.10 13.85
CA ILE A 57 17.76 -5.11 14.42
C ILE A 57 17.98 -6.25 13.42
N ASN A 58 16.90 -6.95 13.06
CA ASN A 58 17.00 -8.10 12.18
C ASN A 58 17.18 -7.72 10.72
N LYS A 59 17.04 -6.43 10.38
CA LYS A 59 17.16 -5.94 9.00
C LYS A 59 16.09 -6.52 8.08
N LYS A 60 14.89 -6.78 8.62
CA LYS A 60 13.81 -7.39 7.87
C LYS A 60 12.72 -6.38 7.57
N MET A 61 12.28 -6.35 6.32
CA MET A 61 11.15 -5.54 5.89
C MET A 61 9.95 -6.45 5.62
N LYS A 62 8.76 -5.99 6.02
CA LYS A 62 7.53 -6.73 5.77
C LYS A 62 6.45 -5.77 5.32
N MET A 63 5.55 -6.24 4.47
CA MET A 63 4.45 -5.42 4.01
C MET A 63 3.14 -6.19 4.07
N MET A 64 2.07 -5.49 4.41
CA MET A 64 0.75 -6.11 4.43
C MET A 64 -0.19 -5.25 3.62
N SER A 65 -1.06 -5.89 2.84
CA SER A 65 -2.14 -5.17 2.16
C SER A 65 -3.42 -5.43 2.94
N VAL A 66 -4.17 -4.37 3.20
CA VAL A 66 -5.44 -4.51 3.91
C VAL A 66 -6.52 -4.12 2.93
N MET A 67 -7.41 -5.06 2.62
CA MET A 67 -8.38 -4.81 1.56
C MET A 67 -9.35 -3.73 2.01
N ARG A 68 -9.61 -2.77 1.11
CA ARG A 68 -10.37 -1.58 1.44
C ARG A 68 -11.82 -1.86 1.81
N ASP A 69 -12.36 -3.01 1.38
CA ASP A 69 -13.76 -3.38 1.55
C ASP A 69 -14.03 -4.16 2.84
N ILE A 70 -13.00 -4.40 3.66
CA ILE A 70 -13.22 -5.07 4.95
C ILE A 70 -14.27 -4.33 5.76
N TYR A 71 -15.29 -5.07 6.23
CA TYR A 71 -16.36 -4.52 7.04
C TYR A 71 -15.85 -4.38 8.47
N ALA A 72 -15.68 -3.15 8.94
CA ALA A 72 -15.01 -2.91 10.22
C ALA A 72 -15.83 -1.99 11.11
N ASP A 73 -15.68 -2.17 12.42
CA ASP A 73 -16.23 -1.24 13.41
C ASP A 73 -15.37 0.03 13.45
N ILE A 74 -15.91 1.14 12.97
CA ILE A 74 -15.22 2.42 13.00
C ILE A 74 -15.62 3.14 14.29
N PRO A 75 -14.71 3.30 15.25
CA PRO A 75 -15.11 3.88 16.55
C PRO A 75 -15.87 5.17 16.37
N GLY A 76 -17.06 5.21 16.96
CA GLY A 76 -17.95 6.35 16.83
C GLY A 76 -18.99 6.23 15.74
N TYR A 77 -18.76 5.38 14.74
CA TYR A 77 -19.54 5.40 13.51
C TYR A 77 -20.19 4.07 13.12
N GLY A 78 -19.93 3.00 13.85
CA GLY A 78 -20.50 1.72 13.50
C GLY A 78 -19.71 0.98 12.44
N LYS A 79 -20.35 -0.06 11.91
CA LYS A 79 -19.67 -0.99 11.01
C LYS A 79 -19.78 -0.52 9.56
N HIS A 80 -18.64 -0.29 8.92
CA HIS A 80 -18.57 0.20 7.55
C HIS A 80 -17.33 -0.36 6.89
N LYS A 81 -17.26 -0.20 5.56
CA LYS A 81 -16.01 -0.50 4.89
C LYS A 81 -14.90 0.30 5.54
N ILE A 82 -13.76 -0.36 5.73
CA ILE A 82 -12.72 0.20 6.57
C ILE A 82 -12.14 1.47 5.95
N ASN A 83 -12.17 1.60 4.63
CA ASN A 83 -11.54 2.83 4.10
C ASN A 83 -12.36 4.08 4.38
N SER A 84 -13.60 3.95 4.87
CA SER A 84 -14.34 5.13 5.29
C SER A 84 -13.70 5.80 6.49
N ALA A 85 -12.87 5.09 7.25
CA ALA A 85 -12.24 5.74 8.40
C ALA A 85 -11.34 6.89 7.97
N TYR A 86 -10.65 6.72 6.84
CA TYR A 86 -9.78 7.78 6.34
C TYR A 86 -10.60 8.98 5.87
N ALA A 87 -11.65 8.72 5.10
CA ALA A 87 -12.48 9.84 4.66
C ALA A 87 -12.99 10.66 5.84
N LEU A 88 -13.34 9.98 6.94
CA LEU A 88 -13.89 10.69 8.09
C LEU A 88 -12.81 11.39 8.89
N GLY A 89 -11.76 10.65 9.28
CA GLY A 89 -10.84 11.21 10.25
C GLY A 89 -9.40 10.99 9.88
N GLY A 90 -9.15 10.78 8.59
CA GLY A 90 -7.81 10.71 8.08
C GLY A 90 -7.02 9.52 8.59
N PRO A 91 -5.70 9.61 8.47
CA PRO A 91 -4.85 8.47 8.86
C PRO A 91 -4.97 8.14 10.32
N GLU A 92 -5.27 9.14 11.16
CA GLU A 92 -5.43 8.86 12.59
C GLU A 92 -6.60 7.92 12.86
N LEU A 93 -7.77 8.22 12.28
CA LEU A 93 -8.93 7.36 12.53
C LEU A 93 -8.78 6.02 11.82
N LEU A 94 -8.13 5.99 10.66
CA LEU A 94 -7.90 4.69 10.04
C LEU A 94 -6.94 3.85 10.87
N ARG A 95 -5.93 4.50 11.48
CA ARG A 95 -5.04 3.78 12.37
C ARG A 95 -5.80 3.20 13.56
N LYS A 96 -6.62 4.02 14.22
CA LYS A 96 -7.39 3.52 15.36
C LYS A 96 -8.33 2.40 14.94
N THR A 97 -8.86 2.46 13.72
CA THR A 97 -9.77 1.43 13.24
C THR A 97 -9.03 0.13 12.96
N LEU A 98 -7.82 0.23 12.39
CA LEU A 98 -6.98 -0.94 12.16
C LEU A 98 -6.55 -1.57 13.48
N ASP A 99 -6.26 -0.75 14.49
CA ASP A 99 -5.83 -1.29 15.77
C ASP A 99 -6.98 -2.02 16.46
N LYS A 100 -8.15 -1.38 16.50
CA LYS A 100 -9.30 -1.99 17.17
C LYS A 100 -9.72 -3.29 16.49
N ASN A 101 -9.71 -3.33 15.16
CA ASN A 101 -10.26 -4.47 14.43
C ASN A 101 -9.22 -5.53 14.08
N LEU A 102 -7.95 -5.14 13.91
CA LEU A 102 -6.94 -6.08 13.46
C LEU A 102 -5.66 -6.03 14.28
N GLY A 103 -5.60 -5.23 15.35
CA GLY A 103 -4.36 -5.06 16.07
C GLY A 103 -3.24 -4.50 15.23
N ILE A 104 -3.55 -3.83 14.12
CA ILE A 104 -2.55 -3.16 13.29
C ILE A 104 -2.49 -1.70 13.72
N ASN A 105 -1.33 -1.25 14.19
CA ASN A 105 -1.18 0.07 14.81
C ASN A 105 0.08 0.77 14.31
N PRO A 106 0.09 1.19 13.04
CA PRO A 106 1.30 1.82 12.49
C PRO A 106 1.58 3.19 13.10
N GLU A 107 2.88 3.50 13.26
CA GLU A 107 3.26 4.77 13.88
C GLU A 107 3.01 5.96 12.95
N TYR A 108 3.43 5.85 11.70
CA TYR A 108 3.46 6.97 10.77
C TYR A 108 2.51 6.72 9.60
N TYR A 109 2.40 7.73 8.73
CA TYR A 109 1.55 7.56 7.57
C TYR A 109 2.21 8.23 6.38
N ALA A 110 1.79 7.79 5.19
CA ALA A 110 2.23 8.36 3.93
C ALA A 110 1.07 8.22 2.96
N VAL A 111 0.58 9.35 2.45
CA VAL A 111 -0.60 9.38 1.60
C VAL A 111 -0.19 9.95 0.25
N VAL A 112 -0.55 9.26 -0.84
CA VAL A 112 -0.18 9.70 -2.18
C VAL A 112 -1.42 9.65 -3.05
N ASP A 113 -1.62 10.69 -3.88
CA ASP A 113 -2.71 10.68 -4.86
C ASP A 113 -2.18 10.40 -6.26
N PHE A 114 -3.05 10.50 -7.28
CA PHE A 114 -2.72 10.03 -8.61
C PHE A 114 -1.55 10.81 -9.18
N THR A 115 -1.64 12.14 -9.12
CA THR A 115 -0.62 13.00 -9.71
C THR A 115 0.69 12.89 -8.95
N GLY A 116 0.61 12.85 -7.61
CA GLY A 116 1.82 12.65 -6.82
C GLY A 116 2.50 11.35 -7.17
N PHE A 117 1.74 10.25 -7.24
CA PHE A 117 2.33 8.96 -7.57
C PHE A 117 3.02 9.02 -8.93
N GLU A 118 2.33 9.53 -9.95
CA GLU A 118 2.90 9.54 -11.30
C GLU A 118 4.17 10.36 -11.37
N LYS A 119 4.16 11.55 -10.75
CA LYS A 119 5.32 12.42 -10.78
C LYS A 119 6.46 11.86 -9.94
N MET A 120 6.14 11.18 -8.83
CA MET A 120 7.19 10.57 -8.01
C MET A 120 7.92 9.48 -8.77
N ILE A 121 7.18 8.58 -9.45
CA ILE A 121 7.81 7.51 -10.22
C ILE A 121 8.70 8.09 -11.32
N ASP A 122 8.20 9.08 -12.05
CA ASP A 122 8.97 9.62 -13.16
C ASP A 122 10.22 10.34 -12.70
N GLU A 123 10.21 10.91 -11.49
CA GLU A 123 11.42 11.57 -11.02
C GLU A 123 12.41 10.55 -10.46
N LEU A 124 11.90 9.52 -9.79
CA LEU A 124 12.78 8.49 -9.23
C LEU A 124 13.35 7.62 -10.34
N MET A 125 12.52 7.22 -11.29
CA MET A 125 12.90 6.28 -12.34
C MET A 125 12.55 6.83 -13.73
N PRO A 126 13.31 7.83 -14.22
CA PRO A 126 12.98 8.37 -15.55
C PRO A 126 13.06 7.32 -16.65
N GLU A 127 13.89 6.31 -16.50
CA GLU A 127 14.01 5.24 -17.49
C GLU A 127 12.77 4.34 -17.50
N GLY A 128 11.87 4.48 -16.53
CA GLY A 128 10.68 3.64 -16.42
C GLY A 128 10.92 2.42 -15.54
N VAL A 129 9.81 1.82 -15.09
CA VAL A 129 9.85 0.75 -14.09
C VAL A 129 9.63 -0.58 -14.81
N PRO A 130 10.55 -1.52 -14.71
CA PRO A 130 10.38 -2.77 -15.45
C PRO A 130 9.38 -3.65 -14.74
N ILE A 131 8.24 -3.89 -15.39
CA ILE A 131 7.12 -4.63 -14.83
C ILE A 131 6.79 -5.78 -15.76
N ASN A 132 6.67 -6.99 -15.21
CA ASN A 132 6.12 -8.11 -15.99
C ASN A 132 4.61 -7.99 -15.94
N VAL A 133 4.04 -7.31 -16.94
CA VAL A 133 2.60 -7.07 -16.95
C VAL A 133 1.86 -8.40 -17.09
N GLU A 134 0.94 -8.66 -16.14
CA GLU A 134 0.26 -9.96 -16.08
C GLU A 134 -0.50 -10.27 -17.36
N LYS A 135 -1.25 -9.29 -17.87
CA LYS A 135 -2.04 -9.48 -19.08
C LYS A 135 -2.31 -8.12 -19.69
N ASP A 136 -2.77 -8.13 -20.94
CA ASP A 136 -3.27 -6.90 -21.53
C ASP A 136 -4.44 -6.37 -20.70
N MET A 137 -4.49 -5.05 -20.54
CA MET A 137 -5.51 -4.41 -19.73
C MET A 137 -5.62 -2.95 -20.13
N SER A 138 -6.83 -2.40 -20.11
CA SER A 138 -7.02 -1.00 -20.44
C SER A 138 -8.34 -0.46 -19.90
N LYS A 139 -9.27 -1.35 -19.56
CA LYS A 139 -10.60 -0.94 -19.13
C LYS A 139 -10.51 -0.09 -17.87
N ASN A 140 -10.95 1.17 -17.98
CA ASN A 140 -11.11 2.12 -16.87
C ASN A 140 -9.81 2.68 -16.30
N ILE A 141 -8.65 2.39 -16.89
CA ILE A 141 -7.39 2.87 -16.33
C ILE A 141 -6.73 3.95 -17.17
N GLY A 142 -7.36 4.39 -18.27
CA GLY A 142 -6.84 5.51 -19.03
C GLY A 142 -5.53 5.28 -19.75
N VAL A 143 -5.04 4.04 -19.77
CA VAL A 143 -3.84 3.66 -20.50
C VAL A 143 -4.08 2.27 -21.08
N SER A 144 -3.25 1.88 -22.03
CA SER A 144 -3.37 0.59 -22.69
C SER A 144 -2.09 -0.19 -22.46
N LEU A 145 -2.16 -1.21 -21.60
CA LEU A 145 -0.98 -1.98 -21.24
C LEU A 145 -0.97 -3.31 -21.98
N LYS A 146 0.23 -3.76 -22.33
CA LYS A 146 0.40 -5.02 -23.02
C LYS A 146 1.11 -6.01 -22.11
N LYS A 147 0.68 -7.27 -22.20
CA LYS A 147 1.24 -8.32 -21.36
C LYS A 147 2.73 -8.45 -21.58
N GLY A 148 3.46 -8.78 -20.52
CA GLY A 148 4.86 -9.11 -20.62
C GLY A 148 5.73 -8.03 -20.01
N ASN A 149 7.04 -8.20 -20.21
CA ASN A 149 8.02 -7.33 -19.58
C ASN A 149 8.08 -5.99 -20.31
N HIS A 150 7.75 -4.91 -19.62
CA HIS A 150 7.79 -3.57 -20.21
C HIS A 150 8.24 -2.58 -19.15
N ARG A 151 8.82 -1.48 -19.61
CA ARG A 151 9.16 -0.38 -18.71
C ARG A 151 8.01 0.63 -18.73
N LEU A 152 7.36 0.83 -17.59
CA LEU A 152 6.17 1.67 -17.49
C LEU A 152 6.53 3.00 -16.84
N ASN A 153 5.96 4.09 -17.35
CA ASN A 153 6.15 5.39 -16.72
C ASN A 153 5.14 5.51 -15.59
N GLY A 154 5.07 6.70 -14.96
CA GLY A 154 4.21 6.84 -13.80
C GLY A 154 2.74 6.63 -14.13
N LYS A 155 2.28 7.20 -15.25
CA LYS A 155 0.89 7.05 -15.65
C LYS A 155 0.53 5.59 -15.88
N GLU A 156 1.41 4.85 -16.55
CA GLU A 156 1.14 3.46 -16.84
C GLU A 156 1.19 2.59 -15.58
N LEU A 157 2.21 2.80 -14.74
CA LEU A 157 2.30 2.01 -13.51
C LEU A 157 1.09 2.26 -12.62
N LEU A 158 0.61 3.51 -12.58
CA LEU A 158 -0.61 3.80 -11.83
C LEU A 158 -1.79 3.05 -12.43
N GLY A 159 -1.89 3.04 -13.76
CA GLY A 159 -2.92 2.25 -14.42
C GLY A 159 -2.83 0.78 -14.03
N TYR A 160 -1.62 0.24 -13.99
CA TYR A 160 -1.42 -1.16 -13.60
C TYR A 160 -1.89 -1.42 -12.17
N ALA A 161 -1.66 -0.46 -11.28
CA ALA A 161 -2.06 -0.59 -9.90
C ALA A 161 -3.55 -0.37 -9.70
N ARG A 162 -4.23 0.23 -10.68
CA ARG A 162 -5.65 0.51 -10.56
C ARG A 162 -6.56 -0.54 -11.20
N PHE A 163 -6.07 -1.29 -12.18
CA PHE A 163 -6.93 -2.21 -12.91
C PHE A 163 -7.62 -3.22 -11.99
N ARG A 164 -8.88 -3.46 -12.27
CA ARG A 164 -9.69 -4.38 -11.48
C ARG A 164 -10.84 -4.98 -12.29
N HIS A 165 -11.02 -4.60 -13.55
CA HIS A 165 -12.22 -4.95 -14.32
C HIS A 165 -12.08 -6.35 -14.92
N ASP A 166 -11.93 -7.33 -14.04
CA ASP A 166 -11.98 -8.74 -14.41
C ASP A 166 -12.65 -9.50 -13.27
N PRO A 167 -12.87 -10.81 -13.37
CA PRO A 167 -13.57 -11.51 -12.27
C PRO A 167 -12.86 -11.45 -10.93
N GLU A 168 -11.55 -11.20 -10.90
CA GLU A 168 -10.81 -11.19 -9.64
C GLU A 168 -11.01 -9.90 -8.84
N GLY A 169 -11.41 -8.81 -9.49
CA GLY A 169 -11.73 -7.58 -8.79
C GLY A 169 -10.58 -7.11 -7.93
N ASP A 170 -10.92 -6.64 -6.73
CA ASP A 170 -9.93 -6.11 -5.81
C ASP A 170 -8.89 -7.16 -5.40
N PHE A 171 -9.21 -8.44 -5.51
CA PHE A 171 -8.24 -9.45 -5.10
C PHE A 171 -7.06 -9.48 -6.07
N GLY A 172 -7.32 -9.35 -7.37
CA GLY A 172 -6.24 -9.32 -8.32
C GLY A 172 -5.47 -8.00 -8.29
N ARG A 173 -6.15 -6.92 -7.92
CA ARG A 173 -5.49 -5.62 -7.81
C ARG A 173 -4.49 -5.62 -6.66
N VAL A 174 -4.86 -6.23 -5.52
CA VAL A 174 -3.93 -6.32 -4.40
C VAL A 174 -2.68 -7.09 -4.80
N ARG A 175 -2.87 -8.20 -5.52
CA ARG A 175 -1.72 -8.95 -6.02
C ARG A 175 -0.83 -8.07 -6.89
N ARG A 176 -1.42 -7.34 -7.83
CA ARG A 176 -0.61 -6.51 -8.72
C ARG A 176 0.03 -5.33 -8.00
N GLN A 177 -0.66 -4.78 -6.98
CA GLN A 177 -0.05 -3.71 -6.19
C GLN A 177 1.15 -4.21 -5.41
N GLN A 178 1.06 -5.42 -4.85
CA GLN A 178 2.21 -5.99 -4.17
C GLN A 178 3.35 -6.24 -5.15
N GLN A 179 3.01 -6.66 -6.38
CA GLN A 179 4.02 -6.84 -7.42
C GLN A 179 4.74 -5.52 -7.72
N VAL A 180 3.99 -4.41 -7.77
CA VAL A 180 4.59 -3.09 -8.00
C VAL A 180 5.52 -2.73 -6.85
N MET A 181 5.09 -2.95 -5.61
CA MET A 181 5.92 -2.61 -4.47
C MET A 181 7.19 -3.44 -4.46
N GLN A 182 7.09 -4.73 -4.79
CA GLN A 182 8.28 -5.57 -4.84
C GLN A 182 9.22 -5.11 -5.96
N THR A 183 8.66 -4.64 -7.07
CA THR A 183 9.50 -4.15 -8.15
C THR A 183 10.19 -2.86 -7.75
N LEU A 184 9.44 -1.91 -7.17
CA LEU A 184 10.05 -0.69 -6.68
C LEU A 184 11.16 -1.02 -5.67
N LYS A 185 10.91 -1.99 -4.80
CA LYS A 185 11.93 -2.44 -3.86
C LYS A 185 13.18 -2.90 -4.60
N LYS A 186 13.02 -3.85 -5.53
CA LYS A 186 14.17 -4.42 -6.21
C LYS A 186 14.89 -3.37 -7.06
N GLU A 187 14.16 -2.38 -7.56
CA GLU A 187 14.74 -1.41 -8.47
C GLU A 187 15.34 -0.20 -7.76
N MET A 188 14.95 0.05 -6.50
CA MET A 188 15.43 1.22 -5.79
C MET A 188 16.45 0.89 -4.71
N VAL A 189 16.40 -0.29 -4.08
CA VAL A 189 17.41 -0.58 -3.06
C VAL A 189 18.68 -1.01 -3.77
N ASN A 190 19.62 -0.08 -3.87
CA ASN A 190 20.92 -0.31 -4.47
C ASN A 190 21.78 0.89 -4.15
N PHE A 191 23.09 0.72 -4.32
CA PHE A 191 24.02 1.78 -3.94
C PHE A 191 23.82 3.03 -4.79
N ARG A 192 23.43 2.89 -6.05
CA ARG A 192 23.19 4.06 -6.88
C ARG A 192 22.09 4.94 -6.30
N THR A 193 21.07 4.35 -5.67
CA THR A 193 19.98 5.13 -5.07
C THR A 193 20.29 5.53 -3.63
N VAL A 194 20.95 4.66 -2.86
CA VAL A 194 21.29 5.01 -1.49
C VAL A 194 22.30 6.15 -1.48
N VAL A 195 23.23 6.16 -2.45
CA VAL A 195 24.08 7.31 -2.66
C VAL A 195 23.25 8.57 -2.91
N LYS A 196 22.08 8.41 -3.54
CA LYS A 196 21.21 9.53 -3.88
C LYS A 196 20.05 9.68 -2.92
N LEU A 197 20.20 9.21 -1.68
CA LEU A 197 19.11 9.29 -0.71
C LEU A 197 18.63 10.70 -0.43
N PRO A 198 19.48 11.73 -0.27
CA PRO A 198 18.94 13.09 -0.09
C PRO A 198 17.99 13.50 -1.21
N LYS A 199 18.40 13.30 -2.46
CA LYS A 199 17.53 13.62 -3.58
C LYS A 199 16.24 12.82 -3.49
N VAL A 200 16.35 11.50 -3.38
CA VAL A 200 15.18 10.62 -3.27
C VAL A 200 14.22 11.13 -2.20
N ALA A 201 14.76 11.49 -1.02
CA ALA A 201 13.91 11.95 0.06
C ALA A 201 13.20 13.25 -0.30
N GLY A 202 13.92 14.18 -0.94
CA GLY A 202 13.29 15.43 -1.37
C GLY A 202 12.18 15.21 -2.37
N ILE A 203 12.37 14.26 -3.29
CA ILE A 203 11.32 13.93 -4.26
C ILE A 203 10.11 13.35 -3.53
N LEU A 204 10.33 12.52 -2.52
CA LEU A 204 9.22 11.90 -1.80
C LEU A 204 8.42 12.93 -1.00
N ARG A 205 9.10 13.82 -0.29
CA ARG A 205 8.39 14.79 0.54
C ARG A 205 7.67 15.84 -0.29
N GLY A 206 8.06 16.00 -1.56
CA GLY A 206 7.33 16.92 -2.42
C GLY A 206 6.03 16.36 -2.95
N TYR A 207 5.95 15.03 -3.10
CA TYR A 207 4.78 14.40 -3.69
C TYR A 207 4.02 13.47 -2.75
N VAL A 208 4.55 13.19 -1.55
CA VAL A 208 3.91 12.32 -0.59
C VAL A 208 3.59 13.13 0.67
N ASN A 209 2.36 13.02 1.15
CA ASN A 209 1.95 13.65 2.40
C ASN A 209 2.26 12.69 3.54
N THR A 210 3.24 13.03 4.37
CA THR A 210 3.71 12.06 5.37
C THR A 210 4.17 12.77 6.63
N ASN A 211 3.98 12.10 7.77
CA ASN A 211 4.47 12.61 9.04
C ASN A 211 5.73 11.88 9.53
N ILE A 212 6.40 11.14 8.66
CA ILE A 212 7.70 10.56 9.06
C ILE A 212 8.70 11.70 9.28
N PRO A 213 9.48 11.69 10.36
CA PRO A 213 10.61 12.61 10.44
C PRO A 213 11.64 12.29 9.37
N ASP A 214 12.17 13.34 8.73
CA ASP A 214 13.03 13.11 7.56
C ASP A 214 14.27 12.29 7.91
N SER A 215 14.76 12.41 9.14
CA SER A 215 15.82 11.51 9.58
C SER A 215 15.38 10.06 9.47
N GLY A 216 14.08 9.79 9.59
CA GLY A 216 13.58 8.44 9.52
C GLY A 216 13.56 7.88 8.11
N ILE A 217 13.26 8.73 7.12
CA ILE A 217 13.40 8.30 5.74
C ILE A 217 14.85 7.95 5.45
N PHE A 218 15.78 8.78 5.93
CA PHE A 218 17.20 8.53 5.72
C PHE A 218 17.64 7.23 6.37
N GLN A 219 17.30 7.04 7.65
CA GLN A 219 17.77 5.87 8.40
C GLN A 219 17.22 4.58 7.83
N THR A 220 15.94 4.57 7.49
CA THR A 220 15.33 3.39 6.88
C THR A 220 15.99 3.06 5.53
N GLY A 221 16.17 4.09 4.69
CA GLY A 221 16.83 3.85 3.42
C GLY A 221 18.25 3.37 3.58
N LEU A 222 18.99 3.97 4.52
CA LEU A 222 20.39 3.57 4.74
C LEU A 222 20.47 2.14 5.25
N SER A 223 19.71 1.83 6.31
CA SER A 223 19.79 0.50 6.91
C SER A 223 19.35 -0.57 5.93
N PHE A 224 18.17 -0.38 5.33
CA PHE A 224 17.63 -1.38 4.43
C PHE A 224 18.44 -1.46 3.13
N GLY A 225 18.89 -0.32 2.61
CA GLY A 225 19.61 -0.30 1.35
C GLY A 225 20.99 -0.92 1.39
N ILE A 226 21.63 -0.95 2.56
CA ILE A 226 22.99 -1.44 2.69
C ILE A 226 23.03 -2.78 3.42
N ARG A 227 22.18 -2.98 4.42
CA ARG A 227 22.29 -4.14 5.29
C ARG A 227 20.96 -4.87 5.49
N GLY A 228 19.97 -4.64 4.65
CA GLY A 228 18.68 -5.27 4.82
C GLY A 228 18.55 -6.56 4.02
N GLU A 229 17.71 -7.46 4.51
CA GLU A 229 17.38 -8.67 3.77
C GLU A 229 16.60 -8.32 2.51
N LYS A 230 16.97 -8.93 1.38
CA LYS A 230 16.36 -8.58 0.11
C LYS A 230 14.97 -9.17 -0.03
N ASP A 231 14.68 -10.27 0.65
CA ASP A 231 13.37 -10.89 0.59
C ASP A 231 12.41 -10.10 1.48
N VAL A 232 11.43 -9.43 0.87
CA VAL A 232 10.42 -8.69 1.61
C VAL A 232 9.14 -9.53 1.62
N LYS A 233 8.82 -10.08 2.78
CA LYS A 233 7.65 -10.94 2.89
C LYS A 233 6.40 -10.08 2.94
N SER A 234 5.30 -10.64 2.43
CA SER A 234 4.06 -9.91 2.29
C SER A 234 2.91 -10.74 2.83
N LEU A 235 1.83 -10.05 3.21
CA LEU A 235 0.62 -10.66 3.73
C LEU A 235 -0.57 -9.89 3.20
N THR A 236 -1.60 -10.60 2.77
CA THR A 236 -2.85 -9.97 2.36
C THR A 236 -3.93 -10.26 3.40
N VAL A 237 -4.60 -9.21 3.85
CA VAL A 237 -5.68 -9.30 4.83
C VAL A 237 -6.97 -8.89 4.12
N PRO A 238 -8.03 -9.71 4.19
CA PRO A 238 -8.17 -10.94 4.97
C PRO A 238 -7.49 -12.15 4.34
N ILE A 239 -7.07 -13.10 5.17
CA ILE A 239 -6.38 -14.29 4.68
C ILE A 239 -7.40 -15.26 4.09
N LYS A 240 -6.89 -16.21 3.30
CA LYS A 240 -7.76 -17.16 2.62
C LYS A 240 -8.66 -17.89 3.61
N ASN A 241 -9.91 -18.10 3.21
CA ASN A 241 -10.91 -18.86 3.97
C ASN A 241 -11.26 -18.22 5.32
N SER A 242 -11.14 -16.90 5.42
CA SER A 242 -11.50 -16.20 6.65
C SER A 242 -12.57 -15.13 6.43
N TYR A 243 -13.24 -15.12 5.28
CA TYR A 243 -14.09 -13.98 4.94
C TYR A 243 -15.19 -14.46 4.00
N GLU A 244 -16.29 -13.71 3.93
CA GLU A 244 -17.19 -13.81 2.77
C GLU A 244 -17.64 -12.43 2.35
N ASP A 245 -18.11 -12.34 1.11
CA ASP A 245 -18.68 -11.10 0.59
C ASP A 245 -20.14 -11.01 0.99
N VAL A 246 -20.53 -9.85 1.51
CA VAL A 246 -21.90 -9.66 1.96
C VAL A 246 -22.41 -8.32 1.43
N ASN A 247 -23.71 -8.26 1.18
CA ASN A 247 -24.37 -7.03 0.76
C ASN A 247 -24.82 -6.26 2.00
N THR A 248 -24.39 -5.00 2.09
CA THR A 248 -24.62 -4.18 3.26
C THR A 248 -25.70 -3.15 2.98
N ASN A 249 -26.25 -2.58 4.06
CA ASN A 249 -27.30 -1.57 3.96
C ASN A 249 -26.85 -0.40 3.09
N THR A 250 -25.86 0.36 3.58
CA THR A 250 -25.44 1.59 2.93
C THR A 250 -24.07 1.49 2.27
N ASP A 251 -23.30 0.44 2.52
CA ASP A 251 -21.96 0.33 1.95
C ASP A 251 -21.92 -0.52 0.69
N GLY A 252 -22.83 -1.48 0.53
CA GLY A 252 -22.88 -2.26 -0.70
C GLY A 252 -22.16 -3.59 -0.62
N SER A 253 -21.14 -3.79 -1.45
CA SER A 253 -20.35 -5.01 -1.46
C SER A 253 -19.20 -4.86 -0.47
N ALA A 254 -19.15 -5.74 0.53
CA ALA A 254 -18.14 -5.62 1.58
C ALA A 254 -17.63 -7.01 1.94
N LEU A 255 -16.53 -7.06 2.67
CA LEU A 255 -15.93 -8.32 3.08
C LEU A 255 -16.18 -8.49 4.58
N GLN A 256 -16.98 -9.48 4.94
CA GLN A 256 -17.19 -9.85 6.33
C GLN A 256 -16.11 -10.85 6.70
N ILE A 257 -15.26 -10.51 7.66
CA ILE A 257 -14.08 -11.32 7.96
C ILE A 257 -14.14 -11.80 9.41
N ASN A 258 -13.42 -12.89 9.66
CA ASN A 258 -13.18 -13.35 11.02
C ASN A 258 -12.02 -12.51 11.54
N LYS A 259 -12.33 -11.52 12.38
CA LYS A 259 -11.27 -10.61 12.85
C LYS A 259 -10.25 -11.35 13.70
N ASN A 260 -10.69 -12.28 14.54
CA ASN A 260 -9.76 -12.93 15.44
C ASN A 260 -8.78 -13.82 14.67
N THR A 261 -9.27 -14.56 13.67
CA THR A 261 -8.38 -15.35 12.82
C THR A 261 -7.36 -14.46 12.10
N ASN A 262 -7.81 -13.30 11.63
CA ASN A 262 -6.91 -12.42 10.91
C ASN A 262 -5.92 -11.73 11.88
N LYS A 263 -6.39 -11.38 13.08
CA LYS A 263 -5.49 -10.83 14.11
C LYS A 263 -4.34 -11.78 14.42
N GLN A 264 -4.64 -13.07 14.49
CA GLN A 264 -3.60 -14.05 14.82
C GLN A 264 -2.65 -14.24 13.65
N ALA A 265 -3.17 -14.29 12.42
CA ALA A 265 -2.30 -14.37 11.26
C ALA A 265 -1.38 -13.17 11.18
N ILE A 266 -1.90 -11.97 11.45
CA ILE A 266 -1.10 -10.77 11.39
C ILE A 266 0.01 -10.83 12.44
N LYS A 267 -0.35 -11.23 13.65
CA LYS A 267 0.64 -11.33 14.72
C LYS A 267 1.69 -12.38 14.39
N ASP A 268 1.28 -13.50 13.79
CA ASP A 268 2.26 -14.52 13.38
C ASP A 268 3.18 -14.00 12.28
N PHE A 269 2.60 -13.25 11.34
CA PHE A 269 3.38 -12.76 10.20
C PHE A 269 4.43 -11.76 10.65
N LEU A 270 4.09 -10.90 11.60
CA LEU A 270 4.95 -9.78 11.96
C LEU A 270 6.03 -10.12 12.96
N ASP A 271 5.94 -11.26 13.65
CA ASP A 271 6.91 -11.58 14.69
C ASP A 271 8.06 -12.45 14.19
N GLU A 272 7.77 -13.46 13.37
CA GLU A 272 8.77 -14.38 12.87
C GLU A 272 8.83 -14.27 11.35
N ASP A 273 10.01 -13.95 10.84
CA ASP A 273 10.27 -13.75 9.41
C ASP A 273 9.62 -14.77 8.49
#